data_8BP4
#
_entry.id   8BP4
#
_cell.length_a   42.303
_cell.length_b   43.387
_cell.length_c   71.316
_cell.angle_alpha   90.000
_cell.angle_beta   91.080
_cell.angle_gamma   90.000
#
_symmetry.space_group_name_H-M   'P 1 21 1'
#
loop_
_entity.id
_entity.type
_entity.pdbx_description
1 polymer 'Leucine-rich repeat-containing protein 1'
2 polymer 'Vang-like protein 1'
3 non-polymer 'AMMONIUM ION'
4 non-polymer 'SULFATE ION'
5 water water
#
loop_
_entity_poly.entity_id
_entity_poly.type
_entity_poly.pdbx_seq_one_letter_code
_entity_poly.pdbx_strand_id
1 'polypeptide(L)'
;AGSTIITSLQRKEGHSLGFSITGGFKQADGQYSGIYISKIAKDSIAAVDGKLSAGDILLKINDESMTNVPHSRAVQMLRS
EGKIITIVASRQQ
;
A,B,C
2 'polypeptide(L)' NPNPETSV D,E,F
#
# COMPACT_ATOMS: atom_id res chain seq x y z
N ALA A 1 27.18 13.10 11.05
CA ALA A 1 25.90 12.43 10.71
C ALA A 1 25.26 11.84 11.96
N GLY A 2 25.77 12.28 13.11
CA GLY A 2 25.28 11.77 14.38
C GLY A 2 26.22 10.73 14.99
N SER A 3 25.78 10.19 16.11
CA SER A 3 26.52 9.19 16.85
C SER A 3 25.68 7.94 16.96
N THR A 4 26.34 6.80 16.92
CA THR A 4 25.69 5.52 16.89
C THR A 4 25.37 5.05 18.29
N ILE A 5 24.12 4.68 18.49
CA ILE A 5 23.60 4.17 19.74
C ILE A 5 23.28 2.71 19.53
N ILE A 6 23.82 1.81 20.34
CA ILE A 6 23.60 0.38 20.16
CA ILE A 6 23.59 0.40 20.15
C ILE A 6 23.26 -0.24 21.49
N THR A 7 22.21 -1.04 21.51
CA THR A 7 21.82 -1.74 22.72
C THR A 7 21.13 -3.05 22.33
N SER A 8 21.16 -4.05 23.20
CA SER A 8 20.43 -5.29 22.98
C SER A 8 19.43 -5.40 24.11
N LEU A 9 18.14 -5.34 23.77
CA LEU A 9 17.08 -5.43 24.75
C LEU A 9 16.69 -6.90 24.95
N GLN A 10 16.35 -7.26 26.15
CA GLN A 10 15.92 -8.60 26.50
C GLN A 10 14.42 -8.55 26.82
N ARG A 11 13.63 -9.14 25.95
CA ARG A 11 12.19 -9.19 26.18
C ARG A 11 11.86 -10.12 27.31
N LYS A 12 10.99 -9.69 28.24
CA LYS A 12 10.40 -10.58 29.22
C LYS A 12 9.09 -11.13 28.67
N GLU A 13 8.87 -12.43 28.86
CA GLU A 13 7.66 -13.05 28.36
C GLU A 13 6.46 -12.25 28.85
N GLY A 14 5.52 -12.06 27.94
CA GLY A 14 4.34 -11.29 28.25
C GLY A 14 4.42 -9.82 27.98
N HIS A 15 5.57 -9.29 27.63
CA HIS A 15 5.80 -7.86 27.54
C HIS A 15 6.27 -7.39 26.19
N SER A 16 5.86 -6.15 25.88
CA SER A 16 6.45 -5.37 24.82
C SER A 16 7.91 -4.96 25.15
N LEU A 17 8.59 -4.50 24.12
CA LEU A 17 9.92 -3.93 24.28
C LEU A 17 9.90 -2.58 24.98
N GLY A 18 8.86 -1.81 24.77
CA GLY A 18 8.70 -0.54 25.44
C GLY A 18 8.93 0.74 24.67
N PHE A 19 8.83 0.71 23.35
CA PHE A 19 8.95 1.97 22.61
C PHE A 19 8.04 1.90 21.42
N SER A 20 7.83 3.07 20.80
CA SER A 20 7.00 3.16 19.62
C SER A 20 7.82 3.70 18.47
N ILE A 21 7.44 3.40 17.25
CA ILE A 21 8.11 3.88 16.08
C ILE A 21 7.13 4.56 15.13
N THR A 22 7.66 5.57 14.44
CA THR A 22 6.97 6.26 13.35
C THR A 22 7.87 6.27 12.11
N GLY A 23 7.28 6.51 10.96
CA GLY A 23 8.01 6.62 9.71
C GLY A 23 7.95 5.37 8.86
N GLY A 24 8.68 5.41 7.78
CA GLY A 24 8.72 4.32 6.84
C GLY A 24 7.58 4.45 5.86
N PHE A 25 7.33 5.65 5.35
CA PHE A 25 6.31 5.80 4.30
C PHE A 25 6.93 6.34 3.05
N LYS A 26 6.34 5.96 1.93
CA LYS A 26 7.00 6.19 0.67
C LYS A 26 6.86 7.66 0.33
N GLN A 27 7.97 8.26 -0.06
CA GLN A 27 8.01 9.67 -0.41
C GLN A 27 7.94 9.83 -1.92
N ALA A 28 7.79 11.08 -2.34
CA ALA A 28 7.61 11.36 -3.76
C ALA A 28 8.77 10.83 -4.58
N ASP A 29 9.97 10.80 -3.98
CA ASP A 29 11.15 10.32 -4.69
C ASP A 29 11.28 8.80 -4.63
N GLY A 30 10.28 8.09 -4.15
CA GLY A 30 10.31 6.64 -4.19
C GLY A 30 10.97 5.97 -3.01
N GLN A 31 11.69 6.69 -2.15
CA GLN A 31 12.31 6.10 -0.97
C GLN A 31 11.31 6.15 0.20
N TYR A 32 11.49 5.24 1.15
CA TYR A 32 10.73 5.33 2.37
C TYR A 32 11.41 6.30 3.33
N SER A 33 10.59 7.04 4.05
CA SER A 33 11.16 7.91 5.07
C SER A 33 11.80 7.07 6.18
N GLY A 34 12.65 7.71 6.96
CA GLY A 34 13.28 7.03 8.09
C GLY A 34 12.29 6.54 9.13
N ILE A 35 12.75 5.55 9.91
CA ILE A 35 12.00 5.00 11.01
C ILE A 35 12.62 5.59 12.27
N TYR A 36 11.80 6.21 13.07
CA TYR A 36 12.27 6.88 14.29
C TYR A 36 11.53 6.40 15.52
N ILE A 37 12.21 6.46 16.67
CA ILE A 37 11.52 6.20 17.94
C ILE A 37 10.68 7.42 18.28
N SER A 38 9.39 7.24 18.52
CA SER A 38 8.47 8.35 18.80
C SER A 38 8.09 8.46 20.26
N LYS A 39 8.27 7.44 21.04
CA LYS A 39 8.07 7.46 22.49
C LYS A 39 8.77 6.25 23.08
N ILE A 40 9.06 6.38 24.37
CA ILE A 40 9.51 5.25 25.18
C ILE A 40 8.61 5.18 26.39
N ALA A 41 8.04 4.01 26.66
CA ALA A 41 7.12 3.84 27.76
C ALA A 41 7.84 3.80 29.10
N LYS A 42 7.32 4.55 30.07
CA LYS A 42 7.94 4.64 31.38
C LYS A 42 8.01 3.25 31.99
N ASP A 43 9.12 2.97 32.62
CA ASP A 43 9.32 1.75 33.39
C ASP A 43 9.42 0.50 32.51
N SER A 44 9.40 0.62 31.19
CA SER A 44 9.43 -0.50 30.26
C SER A 44 10.87 -1.06 30.15
N ILE A 45 11.02 -2.17 29.42
CA ILE A 45 12.34 -2.76 29.20
C ILE A 45 13.26 -1.76 28.51
N ALA A 46 12.77 -1.05 27.49
CA ALA A 46 13.61 -0.09 26.81
C ALA A 46 14.00 1.06 27.74
N ALA A 47 13.06 1.50 28.57
CA ALA A 47 13.35 2.59 29.51
C ALA A 47 14.36 2.18 30.55
N VAL A 48 14.21 0.97 31.09
CA VAL A 48 15.13 0.51 32.13
C VAL A 48 16.53 0.33 31.55
N ASP A 49 16.63 -0.23 30.34
CA ASP A 49 17.92 -0.32 29.65
C ASP A 49 18.56 1.05 29.53
N GLY A 50 17.77 2.05 29.14
CA GLY A 50 18.10 3.46 29.25
C GLY A 50 18.81 4.06 28.08
N LYS A 51 19.39 3.24 27.20
CA LYS A 51 20.24 3.75 26.13
C LYS A 51 19.50 4.50 25.04
N LEU A 52 18.36 4.00 24.61
CA LEU A 52 17.63 4.59 23.52
C LEU A 52 16.89 5.85 23.96
N SER A 53 16.63 6.71 22.98
CA SER A 53 15.85 7.93 23.22
C SER A 53 14.81 8.10 22.11
N ALA A 54 13.68 8.68 22.53
CA ALA A 54 12.77 9.20 21.52
C ALA A 54 13.55 10.17 20.65
N GLY A 55 13.22 10.16 19.38
CA GLY A 55 13.89 10.91 18.34
C GLY A 55 15.00 10.15 17.62
N ASP A 56 15.53 9.06 18.22
CA ASP A 56 16.60 8.34 17.54
C ASP A 56 16.09 7.74 16.25
N ILE A 57 16.92 7.74 15.24
CA ILE A 57 16.61 7.05 13.98
C ILE A 57 17.11 5.63 14.06
N LEU A 58 16.27 4.67 13.65
CA LEU A 58 16.67 3.28 13.67
C LEU A 58 17.45 2.99 12.40
N LEU A 59 18.61 2.36 12.60
CA LEU A 59 19.47 1.96 11.50
C LEU A 59 19.45 0.47 11.22
N LYS A 60 19.46 -0.35 12.26
CA LYS A 60 19.51 -1.81 12.10
C LYS A 60 18.70 -2.42 13.23
N ILE A 61 18.07 -3.56 12.93
CA ILE A 61 17.59 -4.49 13.94
C ILE A 61 18.34 -5.78 13.65
N ASN A 62 19.14 -6.24 14.62
CA ASN A 62 20.03 -7.37 14.38
C ASN A 62 20.82 -7.10 13.09
N ASP A 63 20.72 -7.95 12.08
CA ASP A 63 21.48 -7.87 10.85
C ASP A 63 20.77 -7.10 9.75
N GLU A 64 19.54 -6.65 10.01
CA GLU A 64 18.67 -6.09 8.97
C GLU A 64 18.66 -4.56 9.00
N SER A 65 18.84 -3.97 7.84
CA SER A 65 18.78 -2.53 7.72
C SER A 65 17.35 -2.00 7.89
N MET A 66 17.23 -0.90 8.58
CA MET A 66 15.97 -0.17 8.70
C MET A 66 15.95 1.09 7.84
N THR A 67 16.90 1.22 6.93
CA THR A 67 16.92 2.33 5.98
C THR A 67 16.18 1.94 4.71
N ASN A 68 15.30 2.82 4.27
CA ASN A 68 14.53 2.59 3.06
C ASN A 68 13.66 1.34 3.15
N VAL A 69 12.93 1.21 4.25
CA VAL A 69 12.00 0.09 4.41
C VAL A 69 10.63 0.61 4.83
N PRO A 70 9.57 -0.11 4.50
CA PRO A 70 8.26 0.35 4.95
C PRO A 70 8.09 0.17 6.46
N HIS A 71 7.23 1.02 7.00
CA HIS A 71 6.85 0.95 8.41
C HIS A 71 6.52 -0.50 8.82
N SER A 72 5.70 -1.20 8.03
CA SER A 72 5.23 -2.51 8.49
C SER A 72 6.37 -3.49 8.57
N ARG A 73 7.43 -3.30 7.78
CA ARG A 73 8.59 -4.18 7.85
C ARG A 73 9.33 -3.97 9.16
N ALA A 74 9.52 -2.71 9.57
CA ALA A 74 10.17 -2.44 10.86
C ALA A 74 9.31 -3.01 11.99
N VAL A 75 7.98 -2.83 11.94
CA VAL A 75 7.12 -3.36 13.00
C VAL A 75 7.24 -4.87 13.08
N GLN A 76 7.17 -5.51 11.92
CA GLN A 76 7.29 -6.96 11.88
C GLN A 76 8.62 -7.42 12.45
N MET A 77 9.73 -6.73 12.12
CA MET A 77 11.01 -7.19 12.61
C MET A 77 11.10 -7.07 14.11
N LEU A 78 10.54 -6.00 14.68
CA LEU A 78 10.54 -5.82 16.12
C LEU A 78 9.68 -6.88 16.80
N ARG A 79 8.47 -7.11 16.29
CA ARG A 79 7.54 -8.08 16.87
C ARG A 79 7.96 -9.54 16.63
N SER A 80 8.91 -9.78 15.76
CA SER A 80 9.29 -11.16 15.48
C SER A 80 10.18 -11.76 16.56
N GLU A 81 10.85 -10.91 17.38
CA GLU A 81 11.96 -11.36 18.28
C GLU A 81 11.39 -11.56 19.66
N GLY A 82 11.48 -12.80 20.18
CA GLY A 82 10.95 -13.14 21.49
C GLY A 82 11.89 -13.01 22.66
N LYS A 83 13.20 -12.84 22.44
CA LYS A 83 14.11 -12.75 23.59
C LYS A 83 15.03 -11.56 23.40
N ILE A 84 16.27 -11.75 22.91
CA ILE A 84 17.20 -10.60 22.79
C ILE A 84 17.01 -10.02 21.42
N ILE A 85 17.09 -8.70 21.34
CA ILE A 85 17.03 -7.95 20.08
C ILE A 85 18.05 -6.81 20.11
N THR A 86 18.93 -6.77 19.10
CA THR A 86 19.92 -5.69 18.98
C THR A 86 19.34 -4.55 18.18
N ILE A 87 19.40 -3.38 18.74
CA ILE A 87 18.90 -2.16 18.10
C ILE A 87 20.10 -1.25 17.84
N VAL A 88 20.32 -0.87 16.59
CA VAL A 88 21.34 0.10 16.23
C VAL A 88 20.61 1.34 15.76
N ALA A 89 20.93 2.47 16.35
CA ALA A 89 20.27 3.73 16.07
C ALA A 89 21.29 4.83 15.97
N SER A 90 20.84 5.99 15.52
CA SER A 90 21.71 7.12 15.43
C SER A 90 20.99 8.36 15.97
N ARG A 91 21.79 9.23 16.56
CA ARG A 91 21.31 10.37 17.31
C ARG A 91 22.21 11.56 17.03
N GLN A 92 21.62 12.69 16.64
CA GLN A 92 22.34 13.93 16.41
C GLN A 92 22.15 14.87 17.57
N GLN A 93 23.15 15.76 17.77
CA GLN A 93 23.07 16.71 18.87
C GLN A 93 21.94 17.75 18.70
N ALA B 1 -0.46 15.87 -5.60
CA ALA B 1 -0.42 15.23 -6.95
C ALA B 1 -1.75 15.46 -7.67
N GLY B 2 -2.06 14.60 -8.65
CA GLY B 2 -3.32 14.70 -9.37
C GLY B 2 -4.52 14.55 -8.44
N SER B 3 -5.69 14.87 -8.99
CA SER B 3 -6.90 14.94 -8.17
C SER B 3 -7.67 13.62 -8.11
N THR B 4 -7.73 12.87 -9.21
CA THR B 4 -8.45 11.61 -9.21
C THR B 4 -7.54 10.52 -8.70
N ILE B 5 -8.03 9.74 -7.75
CA ILE B 5 -7.26 8.64 -7.21
C ILE B 5 -8.00 7.35 -7.46
N ILE B 6 -7.23 6.30 -7.76
CA ILE B 6 -7.78 5.00 -8.08
C ILE B 6 -7.03 4.02 -7.24
N THR B 7 -7.76 3.18 -6.54
CA THR B 7 -7.12 2.11 -5.82
C THR B 7 -8.00 0.87 -5.85
N SER B 8 -7.38 -0.27 -5.61
CA SER B 8 -8.11 -1.52 -5.59
C SER B 8 -7.75 -2.20 -4.28
N LEU B 9 -8.78 -2.53 -3.52
CA LEU B 9 -8.63 -3.13 -2.20
C LEU B 9 -9.07 -4.59 -2.25
N GLN B 10 -8.32 -5.46 -1.58
CA GLN B 10 -8.69 -6.86 -1.52
C GLN B 10 -9.48 -7.17 -0.25
N ARG B 11 -10.73 -7.58 -0.42
CA ARG B 11 -11.53 -7.94 0.75
C ARG B 11 -10.89 -9.14 1.45
N LYS B 12 -10.99 -9.18 2.75
CA LYS B 12 -10.59 -10.35 3.53
C LYS B 12 -11.74 -10.79 4.40
N GLU B 13 -12.03 -12.08 4.41
CA GLU B 13 -13.09 -12.59 5.23
C GLU B 13 -12.89 -12.17 6.68
N GLY B 14 -13.98 -11.66 7.29
CA GLY B 14 -13.97 -11.22 8.65
C GLY B 14 -13.49 -9.82 8.87
N HIS B 15 -13.19 -9.09 7.81
CA HIS B 15 -12.75 -7.71 7.92
C HIS B 15 -13.59 -6.81 7.02
N SER B 16 -13.74 -5.57 7.44
CA SER B 16 -14.30 -4.50 6.61
C SER B 16 -13.19 -3.94 5.76
N LEU B 17 -13.54 -3.05 4.83
CA LEU B 17 -12.57 -2.39 3.97
C LEU B 17 -11.80 -1.36 4.76
N GLY B 18 -12.45 -0.71 5.71
CA GLY B 18 -11.79 0.24 6.55
C GLY B 18 -12.03 1.70 6.31
N PHE B 19 -13.19 2.08 5.76
CA PHE B 19 -13.48 3.50 5.67
C PHE B 19 -14.97 3.70 5.87
N SER B 20 -15.37 4.92 6.17
CA SER B 20 -16.77 5.29 6.36
C SER B 20 -17.19 6.29 5.29
N ILE B 21 -18.46 6.20 4.88
CA ILE B 21 -19.00 7.10 3.87
C ILE B 21 -20.27 7.77 4.39
N THR B 22 -20.46 9.00 3.93
CA THR B 22 -21.62 9.80 4.28
C THR B 22 -22.05 10.53 3.03
N GLY B 23 -23.15 11.19 3.14
CA GLY B 23 -23.69 11.88 1.99
C GLY B 23 -24.61 11.01 1.18
N GLY B 24 -24.77 11.37 -0.09
CA GLY B 24 -25.72 10.66 -0.92
C GLY B 24 -27.15 10.86 -0.48
N PHE B 25 -27.49 12.07 -0.01
CA PHE B 25 -28.84 12.41 0.46
C PHE B 25 -29.70 12.83 -0.72
N LYS B 26 -30.99 12.47 -0.68
CA LYS B 26 -31.93 12.83 -1.75
C LYS B 26 -32.32 14.29 -1.62
N GLN B 27 -32.08 15.04 -2.65
CA GLN B 27 -32.40 16.46 -2.67
C GLN B 27 -33.77 16.69 -3.28
N ALA B 28 -34.19 17.95 -3.26
CA ALA B 28 -35.55 18.31 -3.67
C ALA B 28 -35.89 17.85 -5.10
N ASP B 29 -34.99 17.97 -6.09
CA ASP B 29 -35.26 17.61 -7.51
C ASP B 29 -35.12 16.10 -7.68
N GLY B 30 -34.80 15.32 -6.62
CA GLY B 30 -34.56 13.90 -6.81
C GLY B 30 -33.11 13.53 -7.11
N GLN B 31 -32.24 14.48 -7.31
CA GLN B 31 -30.78 14.29 -7.42
C GLN B 31 -30.17 14.00 -6.06
N TYR B 32 -29.15 13.14 -6.05
CA TYR B 32 -28.46 12.77 -4.81
C TYR B 32 -27.18 13.56 -4.66
N SER B 33 -26.93 14.01 -3.42
CA SER B 33 -25.69 14.71 -3.13
C SER B 33 -24.49 13.75 -3.19
N GLY B 34 -23.31 14.35 -3.22
CA GLY B 34 -22.08 13.58 -3.30
C GLY B 34 -21.94 12.66 -2.11
N ILE B 35 -21.29 11.52 -2.38
CA ILE B 35 -20.92 10.56 -1.36
C ILE B 35 -19.47 10.83 -1.01
N TYR B 36 -19.25 11.07 0.27
CA TYR B 36 -17.93 11.44 0.78
C TYR B 36 -17.38 10.33 1.68
N ILE B 37 -16.07 10.16 1.61
CA ILE B 37 -15.36 9.40 2.62
C ILE B 37 -15.22 10.29 3.85
N SER B 38 -15.74 9.84 4.99
CA SER B 38 -15.67 10.63 6.21
C SER B 38 -14.57 10.20 7.14
N LYS B 39 -14.10 8.96 7.04
CA LYS B 39 -13.09 8.45 7.94
C LYS B 39 -12.38 7.29 7.26
N ILE B 40 -11.09 7.17 7.56
CA ILE B 40 -10.27 5.99 7.29
C ILE B 40 -9.97 5.37 8.64
N ALA B 41 -10.35 4.10 8.82
CA ALA B 41 -10.10 3.43 10.09
C ALA B 41 -8.63 3.07 10.20
N LYS B 42 -8.05 3.37 11.36
CA LYS B 42 -6.64 3.05 11.59
C LYS B 42 -6.42 1.55 11.43
N ASP B 43 -5.29 1.18 10.81
CA ASP B 43 -4.79 -0.19 10.66
C ASP B 43 -5.57 -1.04 9.67
N SER B 44 -6.52 -0.45 9.00
CA SER B 44 -7.45 -1.18 8.15
C SER B 44 -6.82 -1.43 6.78
N ILE B 45 -7.54 -2.22 5.98
CA ILE B 45 -7.13 -2.43 4.60
C ILE B 45 -6.97 -1.09 3.86
N ALA B 46 -7.95 -0.19 3.99
CA ALA B 46 -7.87 1.08 3.30
C ALA B 46 -6.74 1.93 3.84
N ALA B 47 -6.47 1.89 5.15
CA ALA B 47 -5.32 2.64 5.67
C ALA B 47 -4.00 2.09 5.13
N VAL B 48 -3.83 0.78 5.15
CA VAL B 48 -2.55 0.20 4.73
C VAL B 48 -2.32 0.49 3.26
N ASP B 49 -3.39 0.42 2.46
CA ASP B 49 -3.29 0.78 1.06
C ASP B 49 -2.87 2.23 0.91
N GLY B 50 -3.46 3.12 1.70
CA GLY B 50 -2.99 4.46 1.81
C GLY B 50 -3.50 5.44 0.79
N LYS B 51 -4.19 5.00 -0.27
CA LYS B 51 -4.52 5.93 -1.37
C LYS B 51 -5.76 6.76 -1.08
N LEU B 52 -6.77 6.18 -0.44
CA LEU B 52 -7.99 6.91 -0.14
C LEU B 52 -7.78 7.81 1.07
N SER B 53 -8.51 8.93 1.09
CA SER B 53 -8.43 9.87 2.19
C SER B 53 -9.80 10.41 2.58
N ALA B 54 -9.93 10.69 3.86
CA ALA B 54 -11.12 11.38 4.32
C ALA B 54 -11.27 12.70 3.58
N GLY B 55 -12.49 13.00 3.16
CA GLY B 55 -12.84 14.17 2.36
C GLY B 55 -12.97 13.93 0.88
N ASP B 56 -12.43 12.82 0.38
CA ASP B 56 -12.62 12.50 -1.01
C ASP B 56 -14.09 12.24 -1.29
N ILE B 57 -14.50 12.53 -2.52
CA ILE B 57 -15.82 12.15 -3.01
C ILE B 57 -15.67 10.89 -3.83
N LEU B 58 -16.54 9.95 -3.60
CA LEU B 58 -16.55 8.72 -4.40
C LEU B 58 -17.10 8.96 -5.78
N LEU B 59 -16.39 8.48 -6.80
CA LEU B 59 -16.81 8.57 -8.20
C LEU B 59 -17.27 7.27 -8.82
N LYS B 60 -16.57 6.15 -8.58
CA LYS B 60 -16.93 4.88 -9.16
C LYS B 60 -16.56 3.77 -8.19
N ILE B 61 -17.34 2.70 -8.25
CA ILE B 61 -17.01 1.43 -7.59
C ILE B 61 -17.11 0.35 -8.66
N ASN B 62 -16.00 -0.35 -8.95
CA ASN B 62 -15.96 -1.39 -10.01
C ASN B 62 -16.64 -0.93 -11.28
N GLU B 64 -19.29 0.85 -11.79
CA GLU B 64 -20.54 1.59 -11.58
C GLU B 64 -20.28 3.01 -11.06
N SER B 65 -20.91 3.97 -11.72
CA SER B 65 -20.73 5.37 -11.32
C SER B 65 -21.43 5.63 -9.99
N MET B 66 -20.79 6.45 -9.15
CA MET B 66 -21.29 6.82 -7.82
C MET B 66 -21.72 8.27 -7.76
N THR B 67 -21.87 8.91 -8.92
CA THR B 67 -22.42 10.24 -9.01
C THR B 67 -23.93 10.12 -9.18
N ASN B 68 -24.65 10.86 -8.36
CA ASN B 68 -26.09 10.86 -8.38
C ASN B 68 -26.70 9.49 -8.12
N VAL B 69 -26.26 8.83 -7.04
CA VAL B 69 -26.86 7.61 -6.51
C VAL B 69 -27.04 7.76 -5.01
N PRO B 70 -28.00 7.04 -4.44
CA PRO B 70 -28.25 7.18 -3.03
C PRO B 70 -27.14 6.54 -2.19
N HIS B 71 -26.96 7.09 -0.99
CA HIS B 71 -26.05 6.55 0.01
C HIS B 71 -26.15 5.05 0.07
N SER B 72 -27.38 4.56 0.14
CA SER B 72 -27.64 3.13 0.33
C SER B 72 -27.02 2.31 -0.75
N ARG B 73 -26.92 2.84 -1.96
CA ARG B 73 -26.42 2.07 -3.08
C ARG B 73 -24.93 1.87 -2.96
N ALA B 74 -24.21 2.92 -2.56
CA ALA B 74 -22.79 2.82 -2.34
C ALA B 74 -22.51 1.84 -1.23
N VAL B 75 -23.27 1.95 -0.12
CA VAL B 75 -23.08 1.03 1.02
C VAL B 75 -23.28 -0.40 0.56
N GLN B 76 -24.39 -0.69 -0.11
CA GLN B 76 -24.68 -2.04 -0.58
C GLN B 76 -23.60 -2.53 -1.52
N MET B 77 -23.16 -1.71 -2.46
CA MET B 77 -22.11 -2.12 -3.38
C MET B 77 -20.81 -2.38 -2.65
N LEU B 78 -20.44 -1.52 -1.72
CA LEU B 78 -19.17 -1.71 -0.99
C LEU B 78 -19.19 -2.84 -0.01
N ARG B 79 -20.37 -3.36 0.36
CA ARG B 79 -20.48 -4.49 1.28
C ARG B 79 -20.75 -5.79 0.53
N SER B 80 -21.12 -5.76 -0.75
CA SER B 80 -21.42 -7.00 -1.47
C SER B 80 -20.54 -7.26 -2.71
N GLU B 81 -19.45 -6.55 -2.86
CA GLU B 81 -18.47 -6.95 -3.84
C GLU B 81 -17.45 -7.84 -3.13
N GLY B 82 -17.07 -8.91 -3.81
CA GLY B 82 -16.04 -9.78 -3.32
C GLY B 82 -14.71 -9.51 -4.02
N LYS B 83 -13.70 -10.17 -3.49
CA LYS B 83 -12.33 -10.18 -3.98
C LYS B 83 -11.78 -8.77 -4.07
N ILE B 84 -11.49 -8.27 -5.26
CA ILE B 84 -10.85 -6.96 -5.40
C ILE B 84 -11.89 -5.95 -5.79
N ILE B 85 -11.94 -4.85 -5.01
CA ILE B 85 -12.88 -3.76 -5.21
C ILE B 85 -12.10 -2.56 -5.69
N THR B 86 -12.49 -2.01 -6.82
CA THR B 86 -11.77 -0.90 -7.40
C THR B 86 -12.59 0.37 -7.20
N ILE B 87 -11.96 1.36 -6.57
CA ILE B 87 -12.60 2.61 -6.16
C ILE B 87 -11.91 3.76 -6.86
N VAL B 88 -12.72 4.63 -7.48
CA VAL B 88 -12.24 5.87 -8.06
C VAL B 88 -12.81 6.98 -7.17
N ALA B 89 -11.95 7.87 -6.69
CA ALA B 89 -12.34 8.98 -5.82
C ALA B 89 -11.70 10.27 -6.32
N SER B 90 -12.33 11.36 -5.95
CA SER B 90 -11.88 12.70 -6.34
C SER B 90 -11.40 13.36 -5.05
N ARG B 91 -10.16 13.78 -5.05
CA ARG B 91 -9.67 14.57 -3.93
C ARG B 91 -10.28 15.95 -4.05
N GLN B 92 -10.58 16.54 -2.91
CA GLN B 92 -11.37 17.75 -2.82
C GLN B 92 -10.58 18.80 -2.05
N GLN B 93 -10.85 20.05 -2.39
CA GLN B 93 -10.25 21.18 -1.71
C GLN B 93 -11.26 22.31 -1.58
N SER C 3 5.19 -11.55 -1.38
CA SER C 3 3.91 -10.83 -1.06
C SER C 3 3.19 -10.34 -2.34
N THR C 4 1.98 -9.84 -2.17
CA THR C 4 1.08 -9.52 -3.26
C THR C 4 0.88 -8.02 -3.32
N ILE C 5 1.06 -7.46 -4.50
CA ILE C 5 0.90 -6.03 -4.77
C ILE C 5 -0.32 -5.91 -5.66
N ILE C 6 -1.18 -4.96 -5.36
CA ILE C 6 -2.33 -4.69 -6.22
C ILE C 6 -2.30 -3.22 -6.53
N THR C 7 -2.45 -2.88 -7.80
CA THR C 7 -2.56 -1.47 -8.10
C THR C 7 -3.48 -1.33 -9.30
N SER C 8 -4.12 -0.16 -9.37
CA SER C 8 -4.92 0.23 -10.53
C SER C 8 -4.32 1.50 -11.12
N LEU C 9 -4.09 1.50 -12.44
CA LEU C 9 -3.52 2.63 -13.16
C LEU C 9 -4.58 3.27 -14.07
N GLN C 10 -4.58 4.62 -14.13
CA GLN C 10 -5.49 5.36 -15.00
C GLN C 10 -4.67 5.82 -16.20
N ARG C 11 -4.98 5.27 -17.36
CA ARG C 11 -4.32 5.65 -18.60
C ARG C 11 -4.77 7.03 -19.04
N LYS C 12 -3.84 7.78 -19.59
CA LYS C 12 -4.19 9.01 -20.29
C LYS C 12 -4.22 8.72 -21.78
N GLU C 13 -5.27 9.24 -22.45
CA GLU C 13 -5.42 8.97 -23.88
C GLU C 13 -4.15 9.35 -24.64
N GLY C 14 -3.77 8.49 -25.57
CA GLY C 14 -2.56 8.70 -26.35
C GLY C 14 -1.26 8.46 -25.63
N HIS C 15 -1.28 7.88 -24.42
CA HIS C 15 -0.07 7.62 -23.66
C HIS C 15 -0.07 6.25 -23.02
N SER C 16 1.08 5.90 -22.47
CA SER C 16 1.33 4.55 -22.00
CA SER C 16 1.33 4.55 -22.00
C SER C 16 1.27 4.48 -20.48
N LEU C 17 1.30 3.22 -19.97
CA LEU C 17 1.31 3.01 -18.55
C LEU C 17 2.68 3.25 -17.96
N GLY C 18 3.74 2.99 -18.73
CA GLY C 18 5.07 3.30 -18.29
C GLY C 18 5.90 2.14 -17.74
N PHE C 19 5.66 0.89 -18.18
CA PHE C 19 6.55 -0.19 -17.76
C PHE C 19 6.66 -1.16 -18.91
N SER C 20 7.67 -2.04 -18.77
CA SER C 20 7.90 -3.08 -19.76
C SER C 20 7.76 -4.43 -19.09
N ILE C 21 7.39 -5.41 -19.91
CA ILE C 21 7.28 -6.81 -19.48
C ILE C 21 8.11 -7.71 -20.36
N THR C 22 8.54 -8.85 -19.73
CA THR C 22 9.18 -9.93 -20.49
C THR C 22 8.66 -11.23 -19.92
N GLY C 23 9.02 -12.33 -20.54
CA GLY C 23 8.48 -13.64 -20.16
C GLY C 23 7.17 -13.87 -20.89
N GLY C 24 6.55 -14.99 -20.56
CA GLY C 24 5.41 -15.49 -21.34
C GLY C 24 5.80 -16.18 -22.60
N PHE C 25 6.91 -16.90 -22.57
CA PHE C 25 7.41 -17.59 -23.74
C PHE C 25 7.44 -19.07 -23.49
N LYS C 26 7.37 -19.86 -24.57
CA LYS C 26 7.51 -21.32 -24.48
C LYS C 26 8.83 -21.73 -23.83
N GLN C 27 8.81 -22.77 -23.01
CA GLN C 27 9.97 -23.26 -22.32
C GLN C 27 9.98 -24.76 -22.36
N ALA C 28 11.11 -25.30 -21.93
CA ALA C 28 11.34 -26.74 -22.07
C ALA C 28 10.22 -27.57 -21.46
N ASP C 29 9.62 -27.11 -20.36
CA ASP C 29 8.61 -27.91 -19.69
C ASP C 29 7.22 -27.77 -20.30
N GLY C 30 7.09 -27.01 -21.37
CA GLY C 30 5.83 -26.89 -22.08
C GLY C 30 4.88 -25.81 -21.60
N GLN C 31 5.14 -25.18 -20.47
CA GLN C 31 4.32 -24.06 -20.02
C GLN C 31 4.86 -22.77 -20.64
N TYR C 32 4.00 -21.76 -20.74
CA TYR C 32 4.53 -20.43 -20.92
C TYR C 32 5.15 -19.92 -19.62
N SER C 33 6.33 -19.34 -19.76
CA SER C 33 7.05 -18.82 -18.62
C SER C 33 6.31 -17.64 -17.99
N GLY C 34 6.57 -17.44 -16.73
CA GLY C 34 5.99 -16.30 -16.02
C GLY C 34 6.33 -14.98 -16.67
N ILE C 35 5.44 -14.00 -16.48
CA ILE C 35 5.60 -12.65 -17.03
C ILE C 35 6.07 -11.71 -15.94
N TYR C 36 7.22 -11.11 -16.18
CA TYR C 36 7.88 -10.22 -15.24
C TYR C 36 7.83 -8.78 -15.73
N ILE C 37 7.73 -7.87 -14.77
CA ILE C 37 8.04 -6.47 -15.06
C ILE C 37 9.54 -6.36 -15.20
N SER C 38 10.02 -5.82 -16.30
CA SER C 38 11.42 -5.71 -16.57
C SER C 38 11.96 -4.30 -16.42
N LYS C 39 11.09 -3.26 -16.44
CA LYS C 39 11.52 -1.87 -16.42
C LYS C 39 10.32 -1.04 -16.02
N ILE C 40 10.57 0.03 -15.26
CA ILE C 40 9.61 1.11 -15.00
C ILE C 40 10.17 2.35 -15.69
N ALA C 41 9.38 2.93 -16.58
CA ALA C 41 9.84 4.09 -17.33
C ALA C 41 9.84 5.31 -16.42
N LYS C 42 10.91 6.12 -16.57
CA LYS C 42 11.06 7.33 -15.76
C LYS C 42 9.84 8.24 -15.84
N ASP C 43 9.33 8.66 -14.67
CA ASP C 43 8.34 9.76 -14.55
C ASP C 43 6.98 9.35 -15.09
N SER C 44 6.76 8.06 -15.25
CA SER C 44 5.58 7.57 -15.92
C SER C 44 4.46 7.42 -14.91
N ILE C 45 3.28 7.08 -15.42
CA ILE C 45 2.17 6.77 -14.53
C ILE C 45 2.57 5.66 -13.55
N ALA C 46 3.16 4.58 -14.06
CA ALA C 46 3.56 3.48 -13.18
C ALA C 46 4.61 3.92 -12.16
N ALA C 47 5.55 4.80 -12.55
CA ALA C 47 6.56 5.28 -11.60
C ALA C 47 5.96 6.16 -10.49
N VAL C 48 5.04 7.04 -10.85
CA VAL C 48 4.40 7.93 -9.88
C VAL C 48 3.52 7.14 -8.93
N ASP C 49 2.86 6.09 -9.45
CA ASP C 49 2.06 5.22 -8.60
C ASP C 49 2.95 4.52 -7.57
N GLY C 50 4.13 4.10 -8.00
CA GLY C 50 5.17 3.61 -7.13
C GLY C 50 5.07 2.18 -6.68
N LYS C 51 3.95 1.49 -6.94
CA LYS C 51 3.73 0.16 -6.35
C LYS C 51 4.46 -0.93 -7.11
N LEU C 52 4.59 -0.82 -8.44
CA LEU C 52 5.24 -1.87 -9.23
C LEU C 52 6.74 -1.63 -9.38
N SER C 53 7.48 -2.73 -9.47
CA SER C 53 8.92 -2.70 -9.53
C SER C 53 9.42 -3.75 -10.50
N ALA C 54 10.56 -3.45 -11.11
CA ALA C 54 11.24 -4.43 -11.93
C ALA C 54 11.47 -5.70 -11.10
N GLY C 55 11.17 -6.84 -11.69
CA GLY C 55 11.31 -8.12 -11.04
C GLY C 55 10.02 -8.67 -10.48
N ASP C 56 8.97 -7.85 -10.41
CA ASP C 56 7.69 -8.34 -9.97
C ASP C 56 7.14 -9.26 -11.02
N ILE C 57 6.43 -10.30 -10.59
CA ILE C 57 5.74 -11.20 -11.51
C ILE C 57 4.27 -10.78 -11.63
N LEU C 58 3.75 -10.71 -12.84
CA LEU C 58 2.34 -10.42 -13.02
C LEU C 58 1.51 -11.65 -12.78
N LEU C 59 0.49 -11.52 -11.93
CA LEU C 59 -0.43 -12.63 -11.66
C LEU C 59 -1.80 -12.47 -12.29
N LYS C 60 -2.35 -11.25 -12.35
CA LYS C 60 -3.66 -11.02 -12.96
C LYS C 60 -3.61 -9.67 -13.61
N ILE C 61 -4.33 -9.52 -14.73
CA ILE C 61 -4.62 -8.19 -15.30
C ILE C 61 -6.14 -8.13 -15.47
N ASN C 62 -6.80 -7.17 -14.83
CA ASN C 62 -8.26 -7.07 -14.88
C ASN C 62 -8.93 -8.42 -14.57
N ASP C 63 -8.47 -9.07 -13.50
CA ASP C 63 -9.01 -10.34 -13.02
C ASP C 63 -8.82 -11.50 -14.02
N GLU C 64 -7.87 -11.41 -14.94
CA GLU C 64 -7.50 -12.50 -15.84
C GLU C 64 -6.14 -12.98 -15.39
N SER C 65 -6.04 -14.28 -15.11
CA SER C 65 -4.78 -14.85 -14.68
C SER C 65 -3.70 -14.74 -15.75
N MET C 66 -2.47 -14.43 -15.31
CA MET C 66 -1.34 -14.31 -16.21
C MET C 66 -0.36 -15.46 -16.06
N THR C 67 -0.80 -16.54 -15.47
CA THR C 67 0.04 -17.71 -15.24
C THR C 67 -0.18 -18.70 -16.38
N ASN C 68 0.92 -19.15 -16.99
CA ASN C 68 0.90 -20.01 -18.15
C ASN C 68 0.10 -19.37 -19.29
N VAL C 69 0.41 -18.11 -19.58
CA VAL C 69 -0.20 -17.44 -20.72
C VAL C 69 0.82 -16.80 -21.62
N PRO C 70 0.56 -16.64 -22.91
CA PRO C 70 1.57 -16.08 -23.80
C PRO C 70 1.75 -14.58 -23.56
N HIS C 71 3.00 -14.14 -23.71
CA HIS C 71 3.40 -12.74 -23.68
C HIS C 71 2.37 -11.86 -24.42
N SER C 72 1.97 -12.28 -25.62
CA SER C 72 1.11 -11.44 -26.46
C SER C 72 -0.23 -11.19 -25.80
N ARG C 73 -0.75 -12.12 -24.99
CA ARG C 73 -2.01 -11.90 -24.27
C ARG C 73 -1.84 -10.82 -23.22
N ALA C 74 -0.75 -10.86 -22.47
CA ALA C 74 -0.48 -9.82 -21.50
C ALA C 74 -0.33 -8.47 -22.18
N VAL C 75 0.40 -8.42 -23.31
CA VAL C 75 0.59 -7.17 -24.04
C VAL C 75 -0.77 -6.64 -24.49
N GLN C 76 -1.61 -7.49 -25.08
CA GLN C 76 -2.89 -7.01 -25.62
C GLN C 76 -3.72 -6.47 -24.49
N MET C 77 -3.74 -7.16 -23.36
CA MET C 77 -4.50 -6.66 -22.20
C MET C 77 -3.96 -5.34 -21.68
N LEU C 78 -2.64 -5.21 -21.54
CA LEU C 78 -2.09 -3.99 -20.98
C LEU C 78 -2.27 -2.81 -21.91
N ARG C 79 -2.42 -3.05 -23.20
CA ARG C 79 -2.67 -1.98 -24.14
C ARG C 79 -4.16 -1.73 -24.41
N SER C 80 -5.05 -2.43 -23.71
CA SER C 80 -6.48 -2.24 -23.89
C SER C 80 -6.83 -0.77 -23.75
N GLU C 81 -7.79 -0.30 -24.54
CA GLU C 81 -8.23 1.07 -24.47
C GLU C 81 -8.92 1.38 -23.16
N GLY C 82 -9.29 0.38 -22.37
CA GLY C 82 -9.93 0.67 -21.09
C GLY C 82 -9.31 1.77 -20.24
N LYS C 83 -10.18 2.51 -19.54
CA LYS C 83 -9.77 3.65 -18.73
C LYS C 83 -8.93 3.25 -17.51
N ILE C 84 -9.23 2.11 -16.86
CA ILE C 84 -8.54 1.68 -15.65
C ILE C 84 -8.03 0.25 -15.83
N ILE C 85 -6.74 0.01 -15.52
CA ILE C 85 -6.11 -1.29 -15.61
C ILE C 85 -5.73 -1.69 -14.20
N THR C 86 -6.19 -2.86 -13.77
CA THR C 86 -5.94 -3.35 -12.43
C THR C 86 -5.01 -4.54 -12.54
N ILE C 87 -3.91 -4.49 -11.79
CA ILE C 87 -2.80 -5.42 -11.93
C ILE C 87 -2.54 -6.00 -10.56
N VAL C 88 -2.46 -7.32 -10.50
CA VAL C 88 -2.05 -8.05 -9.32
C VAL C 88 -0.69 -8.65 -9.65
N ALA C 89 0.30 -8.41 -8.77
CA ALA C 89 1.67 -8.88 -9.00
C ALA C 89 2.26 -9.44 -7.72
N SER C 90 3.34 -10.19 -7.83
CA SER C 90 4.07 -10.68 -6.65
C SER C 90 5.49 -10.11 -6.62
N ARG C 91 6.00 -9.77 -5.44
CA ARG C 91 7.35 -9.21 -5.41
C ARG C 91 8.38 -10.29 -5.09
N GLN C 92 9.64 -9.91 -5.25
CA GLN C 92 10.82 -10.72 -4.94
C GLN C 92 11.90 -10.35 -5.95
N PRO D 4 0.96 7.00 11.08
CA PRO D 4 0.99 5.75 11.86
C PRO D 4 2.19 5.67 12.86
N GLU D 5 1.87 5.55 14.15
CA GLU D 5 2.85 5.30 15.21
C GLU D 5 2.47 3.97 15.85
N THR D 6 3.46 3.10 16.05
CA THR D 6 3.17 1.72 16.46
C THR D 6 4.01 1.39 17.69
N SER D 7 3.34 0.93 18.72
CA SER D 7 3.96 0.42 19.93
C SER D 7 4.51 -0.99 19.76
N VAL D 8 5.76 -1.20 20.20
CA VAL D 8 6.40 -2.52 20.20
C VAL D 8 7.00 -2.88 21.56
N THR E 6 8.58 -5.89 -23.85
CA THR E 6 7.60 -5.07 -24.59
C THR E 6 7.12 -3.98 -23.65
N SER E 7 7.06 -2.75 -24.21
CA SER E 7 6.65 -1.56 -23.49
C SER E 7 5.15 -1.28 -23.60
N VAL E 8 4.56 -0.98 -22.45
CA VAL E 8 3.14 -0.75 -22.35
C VAL E 8 2.89 0.50 -21.56
N THR F 6 -21.46 5.88 7.68
CA THR F 6 -21.61 4.42 7.68
C THR F 6 -20.27 3.73 7.41
N SER F 7 -19.94 2.73 8.22
CA SER F 7 -18.69 1.98 8.09
C SER F 7 -18.78 0.88 7.04
N VAL F 8 -17.74 0.80 6.20
CA VAL F 8 -17.65 -0.24 5.17
C VAL F 8 -16.28 -0.87 5.24
#